data_6C3E
#
_entry.id   6C3E
#
_cell.length_a   42.262
_cell.length_b   95.094
_cell.length_c   134.444
_cell.angle_alpha   90.00
_cell.angle_beta   90.00
_cell.angle_gamma   90.00
#
_symmetry.space_group_name_H-M   'P 21 21 21'
#
loop_
_entity.id
_entity.type
_entity.pdbx_description
1 polymer 'Receptor-interacting serine/threonine-protein kinase 1'
2 non-polymer 2-benzyl-5-nitro-1H-benzimidazole
3 water water
#
_entity_poly.entity_id   1
_entity_poly.type   'polypeptide(L)'
_entity_poly.pdbx_seq_one_letter_code
;GGSGQPDMSLNVIKMKSSDFLESAELDSGGFGKVSLAFHRTQGLMIMKTVYKGPNCIEHNEALLEEAKMMNRLRHSRVVK
LLGVIIEEGKYSLVMEYMEKGNLMHVLKAEMSTPLSVKGRIILEIIEGMAYLHGKGVIHKDLKPENILVDNDFHIKIADL
GLASFKMWSKLNNEEHNELREVDGTAKKNGGTLYYMAPEHLNDVNAKPTEKSDVYSFAVVLWAIFANKEPYENAIAEQQL
IMAIKSGNRPDVDDLTEYCPREIISLMKLCWEANPEARPTFPGIEEKFRPFYLSQLE
;
_entity_poly.pdbx_strand_id   A,B
#
loop_
_chem_comp.id
_chem_comp.type
_chem_comp.name
_chem_comp.formula
EJY non-polymer 2-benzyl-5-nitro-1H-benzimidazole 'C14 H11 N3 O2'
#
# COMPACT_ATOMS: atom_id res chain seq x y z
N VAL A 12 11.44 10.24 -19.66
CA VAL A 12 10.12 10.06 -18.98
C VAL A 12 10.09 10.66 -17.56
N ILE A 13 11.21 10.60 -16.84
CA ILE A 13 11.31 11.22 -15.52
C ILE A 13 12.48 12.22 -15.38
N LYS A 14 13.13 12.54 -16.50
CA LYS A 14 14.35 13.36 -16.49
C LYS A 14 14.03 14.84 -16.40
N MET A 15 14.81 15.56 -15.59
CA MET A 15 14.68 17.01 -15.44
C MET A 15 16.02 17.69 -15.71
N LYS A 16 15.96 18.94 -16.15
CA LYS A 16 17.14 19.79 -16.35
C LYS A 16 17.29 20.80 -15.21
N SER A 17 18.52 21.27 -14.97
CA SER A 17 18.77 22.35 -13.99
C SER A 17 17.98 23.60 -14.33
N SER A 18 17.95 23.97 -15.61
CA SER A 18 17.24 25.15 -16.08
C SER A 18 15.71 25.08 -15.95
N ASP A 19 15.18 23.94 -15.49
CA ASP A 19 13.77 23.83 -15.13
C ASP A 19 13.47 24.53 -13.82
N PHE A 20 14.51 24.75 -13.00
CA PHE A 20 14.36 25.38 -11.70
C PHE A 20 14.87 26.82 -11.71
N LEU A 21 14.15 27.70 -11.02
CA LEU A 21 14.51 29.11 -10.93
C LEU A 21 15.68 29.31 -9.96
N GLU A 22 15.52 28.82 -8.74
CA GLU A 22 16.52 28.96 -7.69
C GLU A 22 16.54 27.75 -6.76
N SER A 23 17.63 27.65 -5.98
CA SER A 23 17.78 26.62 -4.96
C SER A 23 18.47 27.23 -3.73
N ALA A 24 18.18 26.66 -2.55
CA ALA A 24 18.71 27.19 -1.30
C ALA A 24 18.84 26.08 -0.26
N GLU A 25 20.03 25.93 0.30
CA GLU A 25 20.30 24.86 1.28
C GLU A 25 19.38 24.90 2.50
N LEU A 26 19.14 23.72 3.06
CA LEU A 26 18.35 23.57 4.28
C LEU A 26 19.21 22.99 5.42
N ASP A 27 18.82 23.28 6.65
CA ASP A 27 19.52 22.75 7.82
C ASP A 27 19.25 21.24 7.88
N SER A 28 20.32 20.45 7.99
CA SER A 28 20.18 18.98 8.02
C SER A 28 19.58 18.48 9.33
N GLY A 29 19.67 19.28 10.39
CA GLY A 29 19.00 18.96 11.66
C GLY A 29 17.48 18.85 11.48
N GLY A 30 16.92 19.72 10.66
CA GLY A 30 15.49 19.72 10.37
C GLY A 30 15.08 18.90 9.15
N PHE A 31 15.85 19.00 8.07
CA PHE A 31 15.39 18.56 6.75
C PHE A 31 16.26 17.54 6.02
N GLY A 32 17.38 17.15 6.63
CA GLY A 32 18.34 16.25 5.97
C GLY A 32 19.24 17.03 5.03
N LYS A 33 20.20 16.34 4.43
CA LYS A 33 21.20 17.00 3.59
C LYS A 33 20.62 17.38 2.22
N VAL A 34 19.74 18.38 2.23
CA VAL A 34 18.90 18.70 1.07
C VAL A 34 18.80 20.19 0.80
N SER A 35 18.52 20.56 -0.45
CA SER A 35 18.24 21.94 -0.85
C SER A 35 16.75 22.12 -1.22
N LEU A 36 16.23 23.33 -1.01
CA LEU A 36 14.86 23.67 -1.39
C LEU A 36 14.91 24.41 -2.72
N ALA A 37 14.21 23.89 -3.72
CA ALA A 37 14.24 24.45 -5.06
C ALA A 37 12.83 24.82 -5.50
N PHE A 38 12.74 25.67 -6.52
CA PHE A 38 11.45 26.09 -7.09
C PHE A 38 11.40 25.71 -8.56
N HIS A 39 10.49 24.80 -8.89
CA HIS A 39 10.32 24.34 -10.27
C HIS A 39 9.52 25.38 -11.06
N ARG A 40 10.00 25.71 -12.25
CA ARG A 40 9.43 26.75 -13.10
C ARG A 40 7.89 26.72 -13.22
N THR A 41 7.32 25.53 -13.29
CA THR A 41 5.86 25.35 -13.45
C THR A 41 5.16 24.60 -12.32
N GLN A 42 5.92 23.95 -11.43
CA GLN A 42 5.37 23.00 -10.46
C GLN A 42 5.54 23.43 -8.99
N GLY A 43 6.19 24.57 -8.75
CA GLY A 43 6.34 25.09 -7.40
C GLY A 43 7.43 24.42 -6.59
N LEU A 44 7.26 24.42 -5.26
CA LEU A 44 8.30 23.93 -4.35
C LEU A 44 8.60 22.47 -4.54
N MET A 45 9.89 22.14 -4.58
CA MET A 45 10.36 20.77 -4.50
C MET A 45 11.62 20.78 -3.64
N ILE A 46 12.05 19.61 -3.19
CA ILE A 46 13.35 19.51 -2.54
C ILE A 46 14.31 18.74 -3.44
N MET A 47 15.51 19.29 -3.59
CA MET A 47 16.50 18.76 -4.51
C MET A 47 17.71 18.27 -3.73
N LYS A 48 18.14 17.05 -3.99
CA LYS A 48 19.38 16.55 -3.42
C LYS A 48 20.46 16.40 -4.48
N THR A 49 21.29 17.43 -4.59
CA THR A 49 22.51 17.35 -5.39
C THR A 49 23.51 16.44 -4.66
N VAL A 50 23.79 15.31 -5.30
CA VAL A 50 24.66 14.28 -4.73
C VAL A 50 26.12 14.47 -5.15
N TYR A 51 26.36 15.22 -6.23
CA TYR A 51 27.71 15.33 -6.80
C TYR A 51 27.90 16.58 -7.67
N LYS A 52 29.07 17.22 -7.52
CA LYS A 52 29.52 18.26 -8.44
C LYS A 52 31.04 18.20 -8.60
N ILE A 57 30.16 10.22 -16.89
CA ILE A 57 29.86 9.06 -17.74
C ILE A 57 29.92 7.76 -16.95
N GLU A 58 30.99 7.61 -16.17
CA GLU A 58 31.27 6.41 -15.36
C GLU A 58 30.12 5.41 -15.23
N HIS A 59 29.23 5.60 -14.25
CA HIS A 59 28.17 4.63 -13.96
C HIS A 59 26.77 5.16 -14.28
N ASN A 60 26.66 5.86 -15.41
CA ASN A 60 25.40 6.48 -15.84
C ASN A 60 24.21 5.52 -15.90
N GLU A 61 24.44 4.31 -16.39
CA GLU A 61 23.36 3.38 -16.69
C GLU A 61 22.76 2.79 -15.43
N ALA A 62 23.63 2.48 -14.46
CA ALA A 62 23.18 1.95 -13.17
C ALA A 62 22.49 3.01 -12.32
N LEU A 63 23.06 4.22 -12.31
CA LEU A 63 22.47 5.35 -11.57
C LEU A 63 21.06 5.66 -12.07
N LEU A 64 20.90 5.70 -13.39
CA LEU A 64 19.61 6.00 -14.01
C LEU A 64 18.56 4.96 -13.65
N GLU A 65 18.93 3.68 -13.72
CA GLU A 65 17.96 2.61 -13.46
C GLU A 65 17.62 2.51 -11.96
N GLU A 66 18.58 2.85 -11.10
CA GLU A 66 18.31 2.96 -9.65
C GLU A 66 17.29 4.06 -9.36
N ALA A 67 17.42 5.18 -10.06
CA ALA A 67 16.42 6.25 -9.97
C ALA A 67 15.04 5.75 -10.37
N LYS A 68 14.98 4.96 -11.44
CA LYS A 68 13.73 4.34 -11.87
C LYS A 68 13.20 3.33 -10.84
N MET A 69 14.11 2.61 -10.19
CA MET A 69 13.75 1.73 -9.07
C MET A 69 13.05 2.48 -7.94
N MET A 70 13.53 3.69 -7.62
CA MET A 70 12.89 4.51 -6.58
C MET A 70 11.70 5.33 -7.11
N ASN A 71 11.66 5.59 -8.42
CA ASN A 71 10.43 6.10 -9.05
C ASN A 71 9.27 5.09 -8.97
N ARG A 72 9.59 3.81 -8.90
CA ARG A 72 8.57 2.76 -8.80
C ARG A 72 8.07 2.52 -7.37
N LEU A 73 8.67 3.20 -6.39
CA LEU A 73 8.20 3.12 -5.02
C LEU A 73 7.07 4.12 -4.82
N ARG A 74 5.84 3.63 -4.90
CA ARG A 74 4.65 4.47 -4.78
C ARG A 74 3.74 3.96 -3.67
N HIS A 75 3.75 4.69 -2.57
CA HIS A 75 2.98 4.33 -1.40
C HIS A 75 2.82 5.61 -0.59
N SER A 76 1.61 5.84 -0.08
CA SER A 76 1.27 7.07 0.63
C SER A 76 2.22 7.41 1.79
N ARG A 77 2.79 6.39 2.40
CA ARG A 77 3.72 6.52 3.52
C ARG A 77 5.19 6.40 3.08
N VAL A 78 5.47 6.64 1.80
CA VAL A 78 6.83 6.60 1.28
C VAL A 78 7.05 7.74 0.31
N VAL A 79 8.23 8.34 0.38
CA VAL A 79 8.58 9.48 -0.45
C VAL A 79 8.57 9.10 -1.93
N LYS A 80 8.01 10.00 -2.74
CA LYS A 80 7.97 9.85 -4.17
C LYS A 80 9.10 10.65 -4.80
N LEU A 81 9.85 10.01 -5.68
CA LEU A 81 10.83 10.70 -6.52
C LEU A 81 10.06 11.40 -7.61
N LEU A 82 10.42 12.66 -7.90
CA LEU A 82 9.73 13.43 -8.93
C LEU A 82 10.55 13.60 -10.20
N GLY A 83 11.88 13.57 -10.09
CA GLY A 83 12.73 13.62 -11.27
C GLY A 83 14.21 13.42 -10.97
N VAL A 84 15.02 13.31 -12.01
CA VAL A 84 16.48 13.24 -11.85
C VAL A 84 17.18 14.16 -12.85
N ILE A 85 18.18 14.86 -12.36
CA ILE A 85 19.04 15.67 -13.19
C ILE A 85 20.33 14.90 -13.36
N ILE A 86 20.68 14.61 -14.61
CA ILE A 86 21.93 13.99 -14.96
C ILE A 86 22.48 14.78 -16.15
N GLU A 87 23.50 15.58 -15.90
CA GLU A 87 24.01 16.47 -16.94
C GLU A 87 25.38 17.01 -16.58
N GLU A 88 26.30 16.91 -17.53
CA GLU A 88 27.64 17.48 -17.38
C GLU A 88 28.33 16.92 -16.12
N GLY A 89 28.59 17.76 -15.12
CA GLY A 89 29.21 17.27 -13.87
C GLY A 89 28.27 17.27 -12.68
N LYS A 90 26.97 17.23 -12.94
CA LYS A 90 25.96 17.32 -11.89
C LYS A 90 24.99 16.14 -11.93
N TYR A 91 24.90 15.42 -10.81
CA TYR A 91 23.87 14.40 -10.62
C TYR A 91 23.03 14.78 -9.41
N SER A 92 21.72 14.87 -9.61
CA SER A 92 20.80 15.28 -8.55
C SER A 92 19.49 14.49 -8.59
N LEU A 93 18.83 14.42 -7.45
CA LEU A 93 17.52 13.81 -7.33
C LEU A 93 16.52 14.86 -6.85
N VAL A 94 15.27 14.70 -7.26
CA VAL A 94 14.23 15.65 -6.90
C VAL A 94 13.06 14.88 -6.29
N MET A 95 12.51 15.43 -5.20
CA MET A 95 11.40 14.80 -4.49
C MET A 95 10.43 15.88 -4.00
N GLU A 96 9.31 15.46 -3.45
CA GLU A 96 8.27 16.40 -3.04
C GLU A 96 8.64 17.13 -1.75
N TYR A 97 8.11 18.34 -1.59
CA TYR A 97 8.40 19.17 -0.43
C TYR A 97 7.57 18.72 0.78
N MET A 98 8.25 18.51 1.90
CA MET A 98 7.63 18.18 3.18
C MET A 98 8.02 19.29 4.16
N GLU A 99 7.02 20.03 4.60
CA GLU A 99 7.20 21.38 5.13
C GLU A 99 7.72 21.40 6.56
N LYS A 100 7.19 20.52 7.41
CA LYS A 100 7.59 20.43 8.81
C LYS A 100 8.97 19.77 9.02
N GLY A 101 9.50 19.13 7.98
CA GLY A 101 10.83 18.53 8.04
C GLY A 101 10.77 17.11 8.56
N ASN A 102 11.83 16.68 9.25
CA ASN A 102 11.89 15.32 9.75
C ASN A 102 11.21 15.17 11.10
N LEU A 103 11.06 13.92 11.53
CA LEU A 103 10.27 13.59 12.70
C LEU A 103 10.81 14.21 13.97
N MET A 104 12.12 14.04 14.19
CA MET A 104 12.76 14.52 15.41
C MET A 104 12.66 16.04 15.55
N HIS A 105 12.77 16.75 14.43
CA HIS A 105 12.56 18.19 14.38
C HIS A 105 11.15 18.60 14.81
N VAL A 106 10.16 17.79 14.42
CA VAL A 106 8.77 18.02 14.81
C VAL A 106 8.53 17.64 16.28
N LEU A 107 9.05 16.49 16.70
CA LEU A 107 8.93 16.04 18.11
C LEU A 107 9.51 17.01 19.15
N LYS A 108 10.56 17.74 18.77
CA LYS A 108 11.16 18.70 19.68
C LYS A 108 10.41 20.02 19.71
N ALA A 109 9.92 20.47 18.56
CA ALA A 109 9.14 21.70 18.46
C ALA A 109 7.68 21.54 18.90
N GLU A 110 7.09 20.38 18.63
CA GLU A 110 5.70 20.10 19.01
C GLU A 110 5.69 19.42 20.39
N MET A 111 5.57 20.25 21.43
CA MET A 111 5.75 19.79 22.82
C MET A 111 4.88 18.61 23.20
N SER A 112 3.56 18.84 23.21
CA SER A 112 2.61 17.87 23.74
C SER A 112 1.94 17.00 22.67
N THR A 113 2.74 16.45 21.75
CA THR A 113 2.22 15.55 20.73
C THR A 113 1.54 14.35 21.41
N PRO A 114 0.21 14.20 21.23
CA PRO A 114 -0.50 13.20 22.03
C PRO A 114 -0.28 11.73 21.61
N LEU A 115 -0.67 10.83 22.51
CA LEU A 115 -0.50 9.39 22.34
C LEU A 115 -1.16 8.82 21.08
N SER A 116 -2.31 9.37 20.68
CA SER A 116 -3.04 8.87 19.51
C SER A 116 -2.33 9.21 18.21
N VAL A 117 -1.70 10.39 18.16
CA VAL A 117 -0.94 10.81 16.99
C VAL A 117 0.36 10.00 16.84
N LYS A 118 1.03 9.72 17.95
CA LYS A 118 2.26 8.92 17.93
C LYS A 118 1.97 7.47 17.51
N GLY A 119 0.80 6.97 17.90
CA GLY A 119 0.32 5.67 17.43
C GLY A 119 0.13 5.69 15.92
N ARG A 120 -0.60 6.71 15.46
CA ARG A 120 -0.78 6.99 14.03
C ARG A 120 0.55 6.93 13.27
N ILE A 121 1.54 7.66 13.76
CA ILE A 121 2.84 7.74 13.10
C ILE A 121 3.55 6.38 13.07
N ILE A 122 3.42 5.63 14.17
CA ILE A 122 4.07 4.32 14.26
C ILE A 122 3.42 3.32 13.31
N LEU A 123 2.09 3.33 13.24
CA LEU A 123 1.40 2.45 12.32
C LEU A 123 1.82 2.76 10.89
N GLU A 124 1.97 4.05 10.58
CA GLU A 124 2.33 4.49 9.24
C GLU A 124 3.76 4.16 8.89
N ILE A 125 4.68 4.24 9.86
CA ILE A 125 6.05 3.80 9.65
C ILE A 125 6.05 2.30 9.32
N ILE A 126 5.23 1.54 10.03
CA ILE A 126 5.12 0.10 9.81
C ILE A 126 4.55 -0.19 8.42
N GLU A 127 3.41 0.43 8.08
CA GLU A 127 2.86 0.36 6.71
C GLU A 127 3.96 0.56 5.69
N GLY A 128 4.69 1.67 5.83
CA GLY A 128 5.74 2.05 4.90
C GLY A 128 6.84 1.03 4.73
N MET A 129 7.33 0.49 5.84
CA MET A 129 8.45 -0.44 5.82
C MET A 129 8.06 -1.81 5.26
N ALA A 130 6.85 -2.28 5.57
CA ALA A 130 6.35 -3.54 5.01
C ALA A 130 6.19 -3.43 3.50
N TYR A 131 5.72 -2.28 3.03
CA TYR A 131 5.66 -2.02 1.60
C TYR A 131 7.06 -2.09 0.99
N LEU A 132 8.00 -1.32 1.53
CA LEU A 132 9.39 -1.34 1.04
C LEU A 132 9.97 -2.76 0.95
N HIS A 133 9.81 -3.54 2.02
CA HIS A 133 10.29 -4.91 2.03
C HIS A 133 9.57 -5.74 0.98
N GLY A 134 8.27 -5.51 0.85
CA GLY A 134 7.46 -6.13 -0.20
C GLY A 134 7.99 -5.87 -1.61
N LYS A 135 8.64 -4.73 -1.81
CA LYS A 135 9.31 -4.42 -3.08
C LYS A 135 10.79 -4.82 -3.07
N GLY A 136 11.21 -5.64 -2.10
CA GLY A 136 12.60 -6.08 -2.00
C GLY A 136 13.58 -4.97 -1.64
N VAL A 137 13.10 -3.94 -0.96
CA VAL A 137 13.94 -2.80 -0.60
C VAL A 137 14.14 -2.78 0.91
N ILE A 138 15.37 -3.01 1.35
CA ILE A 138 15.73 -3.00 2.77
C ILE A 138 16.35 -1.64 3.11
N HIS A 139 15.74 -0.92 4.03
CA HIS A 139 16.24 0.40 4.46
C HIS A 139 17.55 0.20 5.22
N LYS A 140 18.65 0.72 4.67
CA LYS A 140 19.97 0.52 5.26
C LYS A 140 20.30 1.62 6.28
N ASP A 141 19.36 2.53 6.52
CA ASP A 141 19.58 3.63 7.45
C ASP A 141 18.26 4.27 7.91
N LEU A 142 17.37 3.46 8.50
CA LEU A 142 16.13 4.01 9.07
C LEU A 142 16.44 4.76 10.38
N LYS A 143 15.88 5.96 10.50
CA LYS A 143 16.11 6.84 11.64
C LYS A 143 15.13 8.01 11.58
N PRO A 144 14.92 8.71 12.72
CA PRO A 144 13.98 9.83 12.75
C PRO A 144 14.23 10.92 11.71
N GLU A 145 15.49 11.13 11.32
CA GLU A 145 15.81 12.14 10.30
C GLU A 145 15.43 11.70 8.87
N ASN A 146 15.14 10.41 8.69
CA ASN A 146 14.64 9.89 7.42
C ASN A 146 13.12 9.69 7.41
N ILE A 147 12.44 10.15 8.46
CA ILE A 147 10.98 10.09 8.52
C ILE A 147 10.44 11.51 8.42
N LEU A 148 9.86 11.84 7.27
CA LEU A 148 9.40 13.19 6.96
C LEU A 148 7.93 13.37 7.30
N VAL A 149 7.54 14.59 7.67
CA VAL A 149 6.20 14.89 8.16
C VAL A 149 5.50 15.97 7.32
N ASP A 150 4.30 15.66 6.83
CA ASP A 150 3.51 16.64 6.10
C ASP A 150 2.69 17.48 7.09
N ASN A 151 1.93 18.45 6.58
CA ASN A 151 1.25 19.44 7.45
C ASN A 151 0.28 18.86 8.47
N ASP A 152 -0.37 17.75 8.13
CA ASP A 152 -1.37 17.13 9.00
C ASP A 152 -0.79 15.98 9.82
N PHE A 153 0.52 15.95 9.99
CA PHE A 153 1.23 14.98 10.84
C PHE A 153 1.27 13.53 10.30
N HIS A 154 0.94 13.33 9.02
CA HIS A 154 1.16 12.04 8.38
C HIS A 154 2.62 11.97 7.92
N ILE A 155 3.14 10.76 7.82
CA ILE A 155 4.57 10.59 7.56
C ILE A 155 4.87 9.91 6.23
N LYS A 156 6.12 10.06 5.79
CA LYS A 156 6.65 9.33 4.65
C LYS A 156 8.09 8.95 4.94
N ILE A 157 8.44 7.73 4.57
CA ILE A 157 9.79 7.24 4.77
C ILE A 157 10.65 7.67 3.59
N ALA A 158 11.87 8.11 3.90
CA ALA A 158 12.82 8.53 2.90
C ALA A 158 14.15 7.85 3.16
N ASP A 159 15.04 7.90 2.18
CA ASP A 159 16.44 7.52 2.39
C ASP A 159 17.35 8.65 1.88
N LEU A 160 17.40 9.72 2.65
CA LEU A 160 18.04 10.98 2.24
C LEU A 160 19.56 10.89 2.11
N GLY A 161 20.16 9.89 2.74
CA GLY A 161 21.57 9.57 2.52
C GLY A 161 21.79 8.64 1.33
N LEU A 162 20.71 8.02 0.84
CA LEU A 162 20.75 7.02 -0.24
C LEU A 162 21.60 5.79 0.13
N ALA A 163 21.51 5.39 1.39
CA ALA A 163 22.25 4.24 1.91
C ALA A 163 21.82 2.93 1.24
N SER A 164 20.52 2.78 1.02
CA SER A 164 19.97 1.54 0.48
C SER A 164 20.09 1.37 -1.04
N PHE A 165 20.55 2.41 -1.74
CA PHE A 165 20.84 2.31 -3.17
C PHE A 165 22.35 2.32 -3.43
N LYS A 166 22.86 1.15 -3.79
CA LYS A 166 24.28 0.88 -3.90
C LYS A 166 25.04 1.97 -4.64
N MET A 167 24.61 2.25 -5.86
CA MET A 167 25.35 3.14 -6.76
C MET A 167 25.24 4.61 -6.35
N TRP A 168 24.05 5.06 -5.97
CA TRP A 168 23.86 6.47 -5.56
C TRP A 168 24.59 6.84 -4.26
N SER A 169 24.74 5.89 -3.33
CA SER A 169 25.57 6.14 -2.14
C SER A 169 27.05 6.30 -2.52
N LYS A 170 27.54 5.43 -3.39
CA LYS A 170 28.93 5.50 -3.87
C LYS A 170 29.23 6.84 -4.52
N LEU A 171 28.28 7.34 -5.32
CA LEU A 171 28.42 8.64 -6.00
C LEU A 171 28.66 9.73 -4.96
N ASN A 172 27.97 9.62 -3.84
CA ASN A 172 28.06 10.58 -2.74
C ASN A 172 29.39 10.48 -1.98
N ASN A 173 29.91 9.27 -1.85
CA ASN A 173 31.22 9.05 -1.21
C ASN A 173 32.35 9.67 -2.03
N GLY A 191 24.27 10.32 13.83
CA GLY A 191 22.97 10.01 13.27
C GLY A 191 22.70 8.51 13.19
N THR A 192 23.46 7.81 12.35
CA THR A 192 23.14 6.42 12.01
C THR A 192 23.57 5.41 13.08
N LEU A 193 24.68 5.67 13.76
CA LEU A 193 25.22 4.75 14.77
C LEU A 193 24.18 4.36 15.84
N TYR A 194 23.32 5.30 16.22
CA TYR A 194 22.28 5.04 17.21
C TYR A 194 21.28 3.99 16.76
N TYR A 195 20.97 3.98 15.45
CA TYR A 195 19.92 3.11 14.89
C TYR A 195 20.41 1.85 14.17
N MET A 196 21.70 1.77 13.88
N MET A 196 21.70 1.78 13.87
CA MET A 196 22.27 0.59 13.23
CA MET A 196 22.29 0.60 13.24
C MET A 196 22.24 -0.63 14.14
C MET A 196 22.24 -0.63 14.15
N ALA A 197 21.89 -1.78 13.57
CA ALA A 197 21.83 -3.04 14.32
C ALA A 197 23.23 -3.44 14.76
N PRO A 198 23.35 -4.12 15.92
CA PRO A 198 24.67 -4.46 16.47
C PRO A 198 25.53 -5.33 15.56
N GLU A 199 24.90 -6.22 14.80
CA GLU A 199 25.60 -7.08 13.84
C GLU A 199 26.32 -6.29 12.75
N HIS A 200 25.88 -5.06 12.46
CA HIS A 200 26.44 -4.24 11.37
C HIS A 200 27.26 -3.01 11.82
N LEU A 201 27.57 -2.89 13.11
CA LEU A 201 28.25 -1.68 13.62
C LEU A 201 29.72 -1.54 13.17
N PRO A 208 22.96 -6.70 4.66
CA PRO A 208 21.74 -6.28 5.35
C PRO A 208 20.57 -7.21 5.09
N THR A 209 20.00 -7.79 6.15
CA THR A 209 18.86 -8.70 6.01
C THR A 209 17.56 -7.96 6.31
N GLU A 210 16.45 -8.70 6.28
CA GLU A 210 15.14 -8.13 6.58
C GLU A 210 14.91 -7.84 8.06
N LYS A 211 15.87 -8.18 8.91
CA LYS A 211 15.79 -7.88 10.35
C LYS A 211 16.71 -6.72 10.77
N SER A 212 17.53 -6.21 9.86
CA SER A 212 18.45 -5.11 10.16
C SER A 212 17.71 -3.85 10.58
N ASP A 213 16.74 -3.46 9.75
CA ASP A 213 15.98 -2.21 9.97
C ASP A 213 14.84 -2.38 10.97
N VAL A 214 14.54 -3.62 11.36
CA VAL A 214 13.64 -3.86 12.48
C VAL A 214 14.29 -3.36 13.78
N TYR A 215 15.60 -3.53 13.90
CA TYR A 215 16.35 -2.95 15.01
C TYR A 215 16.24 -1.43 15.02
N SER A 216 16.49 -0.80 13.87
CA SER A 216 16.39 0.65 13.71
C SER A 216 15.03 1.18 14.16
N PHE A 217 13.98 0.51 13.71
CA PHE A 217 12.60 0.84 14.08
C PHE A 217 12.37 0.79 15.59
N ALA A 218 12.95 -0.20 16.25
CA ALA A 218 12.85 -0.32 17.71
C ALA A 218 13.30 0.96 18.41
N VAL A 219 14.41 1.52 17.96
CA VAL A 219 14.97 2.72 18.56
C VAL A 219 14.15 3.96 18.17
N VAL A 220 13.61 3.94 16.95
CA VAL A 220 12.66 4.95 16.52
C VAL A 220 11.46 5.01 17.49
N LEU A 221 10.97 3.85 17.93
CA LEU A 221 9.88 3.80 18.90
C LEU A 221 10.25 4.51 20.20
N TRP A 222 11.45 4.21 20.69
CA TRP A 222 11.97 4.88 21.87
C TRP A 222 12.08 6.37 21.61
N ALA A 223 12.72 6.72 20.49
CA ALA A 223 12.90 8.11 20.11
C ALA A 223 11.57 8.87 20.04
N ILE A 224 10.53 8.21 19.55
CA ILE A 224 9.22 8.83 19.40
C ILE A 224 8.65 9.27 20.77
N PHE A 225 8.70 8.39 21.76
CA PHE A 225 8.17 8.71 23.08
C PHE A 225 9.16 9.48 23.97
N ALA A 226 10.45 9.39 23.66
CA ALA A 226 11.47 10.13 24.41
C ALA A 226 11.56 11.59 23.96
N ASN A 227 11.11 11.88 22.75
CA ASN A 227 11.22 13.22 22.13
C ASN A 227 12.66 13.69 21.95
N LYS A 228 13.59 12.74 21.82
CA LYS A 228 15.02 13.03 21.69
C LYS A 228 15.78 11.81 21.19
N GLU A 229 17.00 12.05 20.70
CA GLU A 229 17.87 10.99 20.22
C GLU A 229 18.43 10.24 21.44
N PRO A 230 18.73 8.94 21.27
CA PRO A 230 19.19 8.11 22.39
C PRO A 230 20.68 8.26 22.71
N TYR A 231 21.11 7.73 23.85
CA TYR A 231 22.51 7.69 24.24
C TYR A 231 23.13 9.09 24.36
N GLU A 232 22.42 10.01 24.99
CA GLU A 232 22.89 11.38 25.16
C GLU A 232 24.14 11.47 26.02
N ASN A 233 24.29 10.53 26.96
CA ASN A 233 25.41 10.49 27.89
C ASN A 233 26.69 9.88 27.28
N ALA A 234 26.56 9.19 26.14
CA ALA A 234 27.72 8.60 25.44
C ALA A 234 28.70 9.68 25.00
N ILE A 235 29.98 9.49 25.31
CA ILE A 235 31.01 10.49 25.03
C ILE A 235 31.85 10.16 23.79
N ALA A 236 32.18 8.89 23.58
CA ALA A 236 33.04 8.48 22.45
C ALA A 236 32.31 7.58 21.45
N GLU A 237 32.79 7.59 20.21
CA GLU A 237 32.25 6.71 19.16
C GLU A 237 32.51 5.25 19.53
N GLN A 238 33.77 4.91 19.74
CA GLN A 238 34.18 3.52 19.99
C GLN A 238 33.58 2.98 21.31
N GLN A 239 33.48 3.84 22.32
CA GLN A 239 32.76 3.50 23.57
C GLN A 239 31.35 3.02 23.24
N LEU A 240 30.64 3.82 22.44
CA LEU A 240 29.25 3.53 22.09
C LEU A 240 29.11 2.23 21.28
N ILE A 241 30.06 1.99 20.37
CA ILE A 241 30.01 0.80 19.53
C ILE A 241 30.21 -0.49 20.34
N MET A 242 31.17 -0.50 21.25
CA MET A 242 31.37 -1.67 22.10
C MET A 242 30.22 -1.83 23.10
N ALA A 243 29.69 -0.72 23.57
CA ALA A 243 28.60 -0.73 24.55
C ALA A 243 27.34 -1.39 24.00
N ILE A 244 26.87 -0.89 22.86
CA ILE A 244 25.69 -1.44 22.19
C ILE A 244 25.93 -2.90 21.79
N LYS A 245 27.14 -3.20 21.32
CA LYS A 245 27.52 -4.55 20.91
C LYS A 245 27.44 -5.58 22.02
N SER A 246 27.63 -5.12 23.26
CA SER A 246 27.57 -6.00 24.43
C SER A 246 26.20 -5.94 25.14
N GLY A 247 25.18 -5.42 24.46
CA GLY A 247 23.81 -5.48 24.96
C GLY A 247 23.20 -4.21 25.53
N ASN A 248 23.95 -3.10 25.50
CA ASN A 248 23.42 -1.83 26.00
C ASN A 248 22.36 -1.32 25.02
N ARG A 249 21.37 -0.61 25.55
CA ARG A 249 20.21 -0.15 24.77
C ARG A 249 19.74 1.19 25.33
N PRO A 250 18.82 1.88 24.63
CA PRO A 250 18.35 3.16 25.17
C PRO A 250 17.66 3.03 26.53
N ASP A 251 17.81 4.06 27.37
CA ASP A 251 17.31 4.03 28.74
C ASP A 251 15.79 4.15 28.70
N VAL A 252 15.12 3.09 29.12
CA VAL A 252 13.66 3.07 29.13
C VAL A 252 13.09 3.93 30.25
N ASP A 253 13.88 4.16 31.29
CA ASP A 253 13.46 4.97 32.43
C ASP A 253 13.13 6.42 32.05
N ASP A 254 13.68 6.90 30.93
CA ASP A 254 13.37 8.24 30.42
C ASP A 254 12.19 8.17 29.45
N LEU A 255 11.15 7.44 29.82
CA LEU A 255 10.14 7.00 28.86
C LEU A 255 8.89 6.33 29.43
N THR A 256 9.04 5.60 30.53
CA THR A 256 8.01 4.67 31.04
C THR A 256 6.60 5.26 31.13
N GLU A 257 6.51 6.54 31.46
CA GLU A 257 5.23 7.15 31.82
C GLU A 257 4.42 7.63 30.61
N TYR A 258 5.11 8.04 29.55
CA TYR A 258 4.45 8.53 28.33
C TYR A 258 4.04 7.38 27.40
N CYS A 259 4.79 6.27 27.46
CA CYS A 259 4.66 5.16 26.50
C CYS A 259 3.88 3.96 27.08
N PRO A 260 2.85 3.48 26.34
CA PRO A 260 2.14 2.25 26.72
C PRO A 260 3.01 1.00 26.77
N ARG A 261 2.59 0.03 27.58
CA ARG A 261 3.44 -1.10 27.97
C ARG A 261 3.63 -2.13 26.84
N GLU A 262 2.69 -2.15 25.90
CA GLU A 262 2.77 -3.06 24.76
C GLU A 262 3.82 -2.56 23.77
N ILE A 263 3.98 -1.24 23.67
CA ILE A 263 4.98 -0.64 22.80
C ILE A 263 6.39 -0.81 23.37
N ILE A 264 6.50 -0.79 24.71
CA ILE A 264 7.76 -1.10 25.39
C ILE A 264 8.20 -2.55 25.13
N SER A 265 7.23 -3.48 25.17
CA SER A 265 7.48 -4.89 24.80
C SER A 265 7.88 -5.02 23.33
N LEU A 266 7.24 -4.23 22.47
CA LEU A 266 7.52 -4.24 21.04
C LEU A 266 8.94 -3.77 20.71
N MET A 267 9.40 -2.68 21.35
CA MET A 267 10.75 -2.17 21.09
C MET A 267 11.82 -3.08 21.69
N LYS A 268 11.53 -3.68 22.84
CA LYS A 268 12.44 -4.66 23.45
C LYS A 268 12.64 -5.90 22.56
N LEU A 269 11.56 -6.38 21.97
CA LEU A 269 11.62 -7.50 21.03
C LEU A 269 12.38 -7.13 19.77
N CYS A 270 12.13 -5.92 19.28
CA CYS A 270 12.74 -5.47 18.04
C CYS A 270 14.22 -5.08 18.19
N TRP A 271 14.71 -4.86 19.41
CA TRP A 271 16.16 -4.63 19.60
C TRP A 271 16.93 -5.77 20.28
N GLU A 272 16.39 -7.00 20.20
CA GLU A 272 17.12 -8.18 20.65
C GLU A 272 18.44 -8.31 19.91
N ALA A 273 19.47 -8.78 20.62
CA ALA A 273 20.78 -8.95 20.03
C ALA A 273 20.75 -9.95 18.87
N ASN A 274 19.94 -11.00 19.05
CA ASN A 274 19.78 -12.04 18.05
C ASN A 274 18.77 -11.61 16.99
N PRO A 275 19.21 -11.49 15.72
CA PRO A 275 18.29 -11.03 14.67
C PRO A 275 17.11 -11.97 14.36
N GLU A 276 17.22 -13.26 14.70
CA GLU A 276 16.10 -14.19 14.58
C GLU A 276 15.01 -13.96 15.63
N ALA A 277 15.41 -13.52 16.83
CA ALA A 277 14.44 -13.19 17.88
C ALA A 277 13.53 -12.03 17.48
N ARG A 278 14.03 -11.14 16.62
CA ARG A 278 13.26 -9.99 16.14
C ARG A 278 12.13 -10.42 15.20
N PRO A 279 10.99 -9.71 15.23
CA PRO A 279 9.89 -10.07 14.34
C PRO A 279 10.03 -9.42 12.98
N THR A 280 9.09 -9.68 12.08
CA THR A 280 9.05 -9.03 10.77
C THR A 280 8.04 -7.89 10.80
N PHE A 281 8.13 -6.98 9.83
CA PHE A 281 7.21 -5.86 9.75
C PHE A 281 5.75 -6.29 9.53
N PRO A 282 5.54 -7.32 8.68
CA PRO A 282 4.19 -7.89 8.61
C PRO A 282 3.74 -8.52 9.92
N GLY A 283 4.65 -9.22 10.60
CA GLY A 283 4.38 -9.71 11.96
C GLY A 283 4.01 -8.59 12.93
N ILE A 284 4.75 -7.47 12.84
CA ILE A 284 4.48 -6.31 13.68
C ILE A 284 3.16 -5.62 13.29
N GLU A 285 2.91 -5.47 11.99
CA GLU A 285 1.70 -4.78 11.50
C GLU A 285 0.43 -5.47 12.00
N GLU A 286 0.45 -6.80 12.04
CA GLU A 286 -0.73 -7.59 12.43
C GLU A 286 -1.14 -7.38 13.89
N LYS A 287 -0.14 -7.24 14.77
CA LYS A 287 -0.39 -7.05 16.20
C LYS A 287 -0.66 -5.58 16.54
N PHE A 288 -0.02 -4.66 15.81
CA PHE A 288 -0.09 -3.23 16.12
C PHE A 288 -1.32 -2.55 15.52
N ARG A 289 -1.75 -2.97 14.34
CA ARG A 289 -2.92 -2.38 13.69
C ARG A 289 -4.16 -2.44 14.59
N PRO A 290 -4.55 -3.64 15.07
CA PRO A 290 -5.73 -3.72 15.94
C PRO A 290 -5.53 -2.99 17.27
N PHE A 291 -4.32 -3.09 17.82
CA PHE A 291 -3.95 -2.39 19.05
C PHE A 291 -4.07 -0.87 18.92
N TYR A 292 -3.76 -0.34 17.74
CA TYR A 292 -3.99 1.08 17.46
C TYR A 292 -5.50 1.39 17.46
N LEU A 293 -6.28 0.57 16.77
CA LEU A 293 -7.72 0.81 16.58
C LEU A 293 -8.52 0.80 17.89
N SER A 294 -8.28 -0.20 18.74
CA SER A 294 -9.06 -0.35 19.97
C SER A 294 -8.53 0.48 21.16
N GLN A 295 -7.21 0.65 21.27
CA GLN A 295 -6.60 1.28 22.45
C GLN A 295 -6.12 2.74 22.26
N LEU A 296 -5.89 3.17 21.02
CA LEU A 296 -5.33 4.50 20.78
C LEU A 296 -5.46 4.95 19.33
N ILE B 13 -0.06 -25.80 1.40
CA ILE B 13 -1.25 -24.90 1.53
C ILE B 13 -2.58 -25.67 1.64
N LYS B 14 -2.51 -26.93 2.09
CA LYS B 14 -3.67 -27.82 2.05
C LYS B 14 -4.39 -27.84 3.40
N MET B 15 -5.66 -28.22 3.39
CA MET B 15 -6.48 -28.26 4.61
C MET B 15 -7.49 -29.41 4.57
N LYS B 16 -8.16 -29.66 5.70
CA LYS B 16 -9.14 -30.75 5.82
C LYS B 16 -10.51 -30.25 6.28
N SER B 17 -11.55 -31.01 5.96
CA SER B 17 -12.94 -30.62 6.27
C SER B 17 -13.30 -30.79 7.75
N SER B 18 -12.66 -31.73 8.41
CA SER B 18 -12.82 -31.93 9.86
C SER B 18 -12.29 -30.75 10.68
N ASP B 19 -11.37 -29.97 10.10
CA ASP B 19 -10.79 -28.82 10.77
C ASP B 19 -11.79 -27.70 11.06
N PHE B 20 -12.86 -27.62 10.25
CA PHE B 20 -13.83 -26.56 10.36
C PHE B 20 -15.11 -27.00 11.04
N LEU B 21 -15.83 -26.02 11.58
CA LEU B 21 -17.01 -26.26 12.40
C LEU B 21 -18.25 -25.67 11.75
N GLU B 22 -19.26 -26.53 11.56
CA GLU B 22 -20.61 -26.15 11.13
C GLU B 22 -20.68 -25.10 10.02
N SER B 23 -20.64 -23.82 10.41
CA SER B 23 -20.75 -22.69 9.49
C SER B 23 -22.20 -22.29 9.21
N ALA B 24 -22.44 -20.99 9.13
CA ALA B 24 -23.72 -20.44 8.71
C ALA B 24 -23.79 -20.46 7.18
N GLU B 25 -24.99 -20.63 6.64
CA GLU B 25 -25.23 -20.83 5.21
C GLU B 25 -24.77 -22.22 4.75
N LYS B 33 -21.53 -22.85 -2.30
CA LYS B 33 -21.87 -22.73 -0.88
C LYS B 33 -20.82 -21.89 -0.14
N VAL B 34 -21.10 -20.59 -0.02
CA VAL B 34 -20.24 -19.65 0.71
C VAL B 34 -20.63 -19.67 2.18
N SER B 35 -19.73 -20.10 3.05
CA SER B 35 -20.06 -20.25 4.47
C SER B 35 -18.96 -19.77 5.41
N LEU B 36 -19.36 -19.42 6.63
CA LEU B 36 -18.44 -18.97 7.67
C LEU B 36 -17.71 -20.16 8.28
N ALA B 37 -16.44 -20.33 7.94
CA ALA B 37 -15.65 -21.46 8.41
C ALA B 37 -14.85 -21.11 9.67
N PHE B 38 -15.37 -21.52 10.82
CA PHE B 38 -14.61 -21.49 12.06
C PHE B 38 -13.59 -22.61 12.03
N HIS B 39 -12.33 -22.27 11.78
CA HIS B 39 -11.24 -23.23 11.84
C HIS B 39 -11.01 -23.62 13.31
N ARG B 40 -10.44 -24.80 13.53
CA ARG B 40 -10.23 -25.33 14.89
C ARG B 40 -9.29 -24.46 15.73
N THR B 41 -8.07 -24.25 15.24
CA THR B 41 -7.05 -23.46 15.92
C THR B 41 -6.96 -22.02 15.43
N GLN B 42 -6.71 -21.84 14.14
CA GLN B 42 -6.48 -20.51 13.56
C GLN B 42 -7.67 -19.54 13.59
N GLY B 43 -8.90 -20.07 13.65
CA GLY B 43 -10.09 -19.22 13.78
C GLY B 43 -10.84 -18.89 12.50
N LEU B 44 -11.40 -17.69 12.45
CA LEU B 44 -12.49 -17.34 11.51
C LEU B 44 -12.03 -17.09 10.08
N MET B 45 -12.71 -17.73 9.14
CA MET B 45 -12.43 -17.63 7.70
C MET B 45 -13.74 -17.81 6.93
N ILE B 46 -13.68 -17.69 5.61
CA ILE B 46 -14.85 -18.01 4.76
C ILE B 46 -14.55 -19.14 3.78
N MET B 47 -15.48 -20.08 3.69
CA MET B 47 -15.32 -21.29 2.90
C MET B 47 -16.26 -21.28 1.70
N LYS B 48 -15.67 -21.35 0.51
CA LYS B 48 -16.44 -21.52 -0.72
C LYS B 48 -16.25 -22.96 -1.17
N THR B 49 -17.24 -23.79 -0.88
CA THR B 49 -17.26 -25.15 -1.41
C THR B 49 -17.70 -25.06 -2.86
N VAL B 50 -16.82 -25.47 -3.76
CA VAL B 50 -17.08 -25.40 -5.20
C VAL B 50 -17.78 -26.67 -5.71
N TYR B 51 -17.39 -27.83 -5.16
CA TYR B 51 -18.00 -29.11 -5.54
C TYR B 51 -18.28 -29.96 -4.30
N LYS B 52 -19.41 -30.65 -4.33
CA LYS B 52 -19.79 -31.61 -3.30
C LYS B 52 -20.65 -32.68 -3.96
N GLY B 53 -20.22 -33.94 -3.84
CA GLY B 53 -20.97 -35.04 -4.45
C GLY B 53 -20.22 -36.35 -4.53
N PRO B 54 -20.47 -37.13 -5.60
CA PRO B 54 -19.97 -38.50 -5.78
C PRO B 54 -18.49 -38.73 -5.42
N ASN B 55 -17.55 -38.21 -6.23
CA ASN B 55 -16.10 -38.42 -6.05
C ASN B 55 -15.38 -38.17 -7.38
N CYS B 56 -15.84 -38.90 -8.40
CA CYS B 56 -15.44 -38.80 -9.83
C CYS B 56 -14.33 -37.84 -10.35
N ILE B 57 -14.07 -36.71 -9.70
CA ILE B 57 -13.18 -35.69 -10.27
C ILE B 57 -11.78 -36.22 -10.55
N GLU B 58 -11.44 -36.32 -11.83
CA GLU B 58 -10.16 -36.89 -12.26
C GLU B 58 -9.01 -35.88 -12.24
N HIS B 59 -9.30 -34.62 -12.58
CA HIS B 59 -8.25 -33.61 -12.74
C HIS B 59 -7.98 -32.79 -11.46
N ASN B 60 -7.45 -33.45 -10.44
CA ASN B 60 -7.00 -32.77 -9.20
C ASN B 60 -5.71 -31.97 -9.41
N GLU B 61 -4.86 -32.43 -10.32
CA GLU B 61 -3.54 -31.83 -10.52
C GLU B 61 -3.63 -30.38 -10.98
N ALA B 62 -4.46 -30.13 -11.98
CA ALA B 62 -4.65 -28.77 -12.51
C ALA B 62 -5.28 -27.85 -11.48
N LEU B 63 -6.19 -28.39 -10.67
CA LEU B 63 -6.83 -27.63 -9.59
C LEU B 63 -5.80 -27.14 -8.57
N LEU B 64 -4.87 -28.02 -8.21
CA LEU B 64 -3.83 -27.70 -7.24
C LEU B 64 -2.82 -26.67 -7.78
N GLU B 65 -2.42 -26.81 -9.04
CA GLU B 65 -1.50 -25.86 -9.65
C GLU B 65 -2.11 -24.47 -9.85
N GLU B 66 -3.41 -24.42 -10.12
CA GLU B 66 -4.10 -23.12 -10.24
C GLU B 66 -4.52 -22.55 -8.89
N ALA B 67 -4.61 -23.40 -7.87
CA ALA B 67 -4.65 -22.93 -6.49
C ALA B 67 -3.30 -22.30 -6.15
N LYS B 68 -2.23 -23.02 -6.52
CA LYS B 68 -0.86 -22.50 -6.43
C LYS B 68 -0.73 -21.17 -7.19
N MET B 69 -1.18 -21.17 -8.45
CA MET B 69 -1.04 -20.01 -9.32
C MET B 69 -1.77 -18.79 -8.78
N MET B 70 -2.84 -18.99 -8.01
CA MET B 70 -3.53 -17.87 -7.36
C MET B 70 -3.15 -17.71 -5.88
N ASN B 71 -2.33 -18.62 -5.36
CA ASN B 71 -1.67 -18.43 -4.07
C ASN B 71 -0.48 -17.46 -4.19
N ARG B 72 0.07 -17.33 -5.39
CA ARG B 72 1.21 -16.44 -5.62
C ARG B 72 0.80 -14.95 -5.59
N LEU B 73 -0.49 -14.68 -5.76
CA LEU B 73 -1.01 -13.32 -5.62
C LEU B 73 -1.01 -12.93 -4.14
N ARG B 74 -0.05 -12.08 -3.77
CA ARG B 74 0.16 -11.64 -2.39
C ARG B 74 0.13 -10.12 -2.34
N HIS B 75 -0.85 -9.57 -1.66
CA HIS B 75 -1.01 -8.11 -1.55
C HIS B 75 -2.01 -7.78 -0.44
N SER B 76 -1.82 -6.64 0.21
CA SER B 76 -2.70 -6.21 1.29
C SER B 76 -4.08 -5.83 0.74
N ARG B 77 -4.09 -5.35 -0.49
CA ARG B 77 -5.32 -4.96 -1.18
C ARG B 77 -5.92 -6.06 -2.07
N VAL B 78 -5.42 -7.29 -1.99
CA VAL B 78 -6.01 -8.43 -2.71
C VAL B 78 -6.35 -9.57 -1.74
N VAL B 79 -7.46 -10.25 -2.01
CA VAL B 79 -7.91 -11.37 -1.18
C VAL B 79 -6.92 -12.52 -1.28
N LYS B 80 -6.54 -13.08 -0.14
CA LYS B 80 -5.56 -14.17 -0.10
C LYS B 80 -6.22 -15.54 0.04
N LEU B 81 -5.77 -16.47 -0.78
CA LEU B 81 -6.14 -17.87 -0.65
C LEU B 81 -5.41 -18.44 0.56
N LEU B 82 -6.17 -18.70 1.64
CA LEU B 82 -5.58 -19.26 2.85
C LEU B 82 -5.19 -20.71 2.63
N GLY B 83 -6.09 -21.48 2.02
CA GLY B 83 -5.81 -22.88 1.71
C GLY B 83 -6.90 -23.52 0.87
N VAL B 84 -6.76 -24.83 0.67
CA VAL B 84 -7.70 -25.62 -0.13
C VAL B 84 -8.08 -26.90 0.59
N ILE B 85 -9.14 -27.54 0.09
CA ILE B 85 -9.55 -28.87 0.55
C ILE B 85 -9.77 -29.72 -0.70
N ILE B 86 -8.94 -30.74 -0.86
CA ILE B 86 -9.08 -31.70 -1.94
C ILE B 86 -9.23 -33.07 -1.30
N GLU B 87 -10.49 -33.46 -1.10
CA GLU B 87 -10.85 -34.77 -0.57
C GLU B 87 -11.94 -35.36 -1.45
N GLU B 88 -12.34 -36.60 -1.18
CA GLU B 88 -13.27 -37.31 -2.08
C GLU B 88 -14.53 -36.52 -2.47
N GLY B 89 -15.47 -36.38 -1.55
CA GLY B 89 -16.77 -35.79 -1.88
C GLY B 89 -16.89 -34.30 -1.56
N LYS B 90 -15.80 -33.56 -1.74
CA LYS B 90 -15.78 -32.13 -1.36
C LYS B 90 -14.58 -31.40 -1.95
N TYR B 91 -14.81 -30.18 -2.43
CA TYR B 91 -13.76 -29.31 -2.98
C TYR B 91 -13.98 -27.85 -2.59
N SER B 92 -13.06 -27.29 -1.79
CA SER B 92 -13.25 -25.95 -1.24
C SER B 92 -12.05 -25.01 -1.41
N LEU B 93 -12.34 -23.73 -1.60
CA LEU B 93 -11.34 -22.67 -1.56
C LEU B 93 -11.52 -21.87 -0.26
N VAL B 94 -10.50 -21.87 0.59
CA VAL B 94 -10.56 -21.18 1.87
C VAL B 94 -9.91 -19.81 1.73
N MET B 95 -10.67 -18.75 1.95
CA MET B 95 -10.14 -17.39 1.89
C MET B 95 -10.36 -16.66 3.22
N GLU B 96 -9.74 -15.49 3.35
CA GLU B 96 -9.81 -14.72 4.59
C GLU B 96 -11.14 -13.97 4.76
N TYR B 97 -11.63 -13.95 5.99
CA TYR B 97 -12.89 -13.29 6.35
C TYR B 97 -12.73 -11.77 6.34
N MET B 98 -13.68 -11.09 5.69
CA MET B 98 -13.73 -9.63 5.66
C MET B 98 -15.04 -9.17 6.29
N GLU B 99 -14.92 -8.48 7.42
CA GLU B 99 -16.00 -8.26 8.38
C GLU B 99 -17.28 -7.61 7.82
N LYS B 100 -17.13 -6.56 7.01
CA LYS B 100 -18.28 -5.76 6.57
C LYS B 100 -19.02 -6.29 5.35
N GLY B 101 -18.43 -7.26 4.65
CA GLY B 101 -19.04 -7.84 3.44
C GLY B 101 -18.50 -7.17 2.18
N ASN B 102 -19.31 -7.15 1.13
CA ASN B 102 -18.93 -6.50 -0.14
C ASN B 102 -19.23 -5.00 -0.13
N LEU B 103 -18.64 -4.28 -1.06
CA LEU B 103 -18.75 -2.81 -1.13
C LEU B 103 -20.18 -2.30 -1.29
N MET B 104 -20.97 -2.93 -2.15
CA MET B 104 -22.35 -2.49 -2.38
C MET B 104 -23.20 -2.66 -1.12
N HIS B 105 -22.91 -3.68 -0.32
CA HIS B 105 -23.57 -3.82 0.99
C HIS B 105 -23.19 -2.69 1.95
N VAL B 106 -21.94 -2.24 1.90
CA VAL B 106 -21.48 -1.15 2.77
C VAL B 106 -22.15 0.17 2.42
N LEU B 107 -22.15 0.50 1.12
CA LEU B 107 -22.82 1.70 0.62
C LEU B 107 -24.30 1.72 0.96
N LYS B 108 -25.01 0.62 0.70
CA LYS B 108 -26.46 0.55 0.97
C LYS B 108 -26.80 0.47 2.47
N ALA B 109 -25.81 0.17 3.31
CA ALA B 109 -26.00 0.20 4.76
C ALA B 109 -26.42 1.59 5.20
N GLU B 110 -27.21 1.64 6.27
CA GLU B 110 -27.98 2.82 6.64
C GLU B 110 -27.15 4.08 6.93
N MET B 111 -25.93 3.90 7.42
CA MET B 111 -25.01 5.03 7.61
C MET B 111 -24.35 5.39 6.28
N SER B 112 -24.35 6.68 5.94
CA SER B 112 -23.67 7.16 4.76
C SER B 112 -22.19 7.38 5.08
N THR B 113 -21.32 6.77 4.26
CA THR B 113 -19.87 6.82 4.44
C THR B 113 -19.31 8.19 4.03
N PRO B 114 -18.36 8.75 4.81
CA PRO B 114 -17.85 10.09 4.46
C PRO B 114 -16.91 10.10 3.27
N LEU B 115 -16.70 11.29 2.69
CA LEU B 115 -15.83 11.47 1.52
C LEU B 115 -14.41 10.90 1.67
N SER B 116 -13.82 11.05 2.86
CA SER B 116 -12.42 10.64 3.08
C SER B 116 -12.25 9.12 3.06
N VAL B 117 -13.22 8.41 3.63
CA VAL B 117 -13.20 6.94 3.61
C VAL B 117 -13.37 6.43 2.18
N LYS B 118 -14.32 7.01 1.45
CA LYS B 118 -14.51 6.68 0.04
C LYS B 118 -13.24 6.92 -0.76
N GLY B 119 -12.49 7.96 -0.42
CA GLY B 119 -11.19 8.24 -1.02
C GLY B 119 -10.17 7.13 -0.81
N ARG B 120 -10.06 6.63 0.43
CA ARG B 120 -9.18 5.49 0.74
C ARG B 120 -9.57 4.27 -0.06
N ILE B 121 -10.86 3.93 -0.01
CA ILE B 121 -11.39 2.81 -0.75
C ILE B 121 -10.93 2.88 -2.21
N ILE B 122 -11.13 4.04 -2.84
CA ILE B 122 -10.79 4.21 -4.25
C ILE B 122 -9.29 4.02 -4.49
N LEU B 123 -8.47 4.67 -3.67
CA LEU B 123 -7.02 4.49 -3.77
C LEU B 123 -6.61 3.03 -3.59
N GLU B 124 -7.26 2.33 -2.68
CA GLU B 124 -6.96 0.92 -2.43
C GLU B 124 -7.34 0.01 -3.60
N ILE B 125 -8.46 0.31 -4.25
CA ILE B 125 -8.88 -0.39 -5.45
C ILE B 125 -7.82 -0.23 -6.56
N ILE B 126 -7.35 0.99 -6.74
CA ILE B 126 -6.29 1.31 -7.70
C ILE B 126 -5.02 0.54 -7.40
N GLU B 127 -4.63 0.51 -6.12
CA GLU B 127 -3.41 -0.19 -5.67
C GLU B 127 -3.49 -1.66 -6.01
N GLY B 128 -4.63 -2.27 -5.67
CA GLY B 128 -4.84 -3.70 -5.90
C GLY B 128 -4.84 -4.06 -7.37
N MET B 129 -5.49 -3.25 -8.19
CA MET B 129 -5.56 -3.52 -9.63
C MET B 129 -4.19 -3.41 -10.27
N ALA B 130 -3.48 -2.32 -9.95
CA ALA B 130 -2.11 -2.13 -10.43
C ALA B 130 -1.23 -3.34 -10.10
N TYR B 131 -1.41 -3.90 -8.91
CA TYR B 131 -0.69 -5.11 -8.53
C TYR B 131 -1.07 -6.28 -9.44
N LEU B 132 -2.38 -6.49 -9.62
CA LEU B 132 -2.89 -7.56 -10.49
C LEU B 132 -2.38 -7.41 -11.91
N HIS B 133 -2.47 -6.20 -12.45
CA HIS B 133 -1.94 -5.91 -13.79
C HIS B 133 -0.42 -6.01 -13.83
N GLY B 134 0.23 -5.76 -12.71
CA GLY B 134 1.66 -5.99 -12.57
C GLY B 134 2.02 -7.46 -12.75
N LYS B 135 1.15 -8.34 -12.26
CA LYS B 135 1.36 -9.79 -12.33
C LYS B 135 0.70 -10.46 -13.55
N GLY B 136 0.17 -9.66 -14.46
CA GLY B 136 -0.43 -10.17 -15.71
C GLY B 136 -1.84 -10.71 -15.58
N VAL B 137 -2.48 -10.45 -14.44
CA VAL B 137 -3.85 -10.89 -14.20
C VAL B 137 -4.82 -9.76 -14.50
N ILE B 138 -5.50 -9.85 -15.65
CA ILE B 138 -6.60 -8.95 -15.95
C ILE B 138 -7.85 -9.47 -15.25
N HIS B 139 -8.51 -8.59 -14.50
CA HIS B 139 -9.75 -8.93 -13.82
C HIS B 139 -10.87 -8.78 -14.85
N LYS B 140 -11.60 -9.86 -15.11
CA LYS B 140 -12.63 -9.83 -16.15
C LYS B 140 -13.99 -9.37 -15.61
N ASP B 141 -14.07 -9.25 -14.29
CA ASP B 141 -15.34 -9.02 -13.60
C ASP B 141 -15.19 -8.11 -12.36
N LEU B 142 -14.61 -6.91 -12.55
CA LEU B 142 -14.47 -5.96 -11.46
C LEU B 142 -15.80 -5.28 -11.18
N LYS B 143 -16.28 -5.37 -9.95
CA LYS B 143 -17.57 -4.80 -9.56
C LYS B 143 -17.70 -4.79 -8.04
N PRO B 144 -18.60 -3.97 -7.47
CA PRO B 144 -18.73 -3.82 -6.01
C PRO B 144 -18.92 -5.12 -5.23
N GLU B 145 -19.42 -6.15 -5.92
CA GLU B 145 -19.65 -7.46 -5.31
C GLU B 145 -18.35 -8.24 -5.12
N ASN B 146 -17.31 -7.83 -5.86
CA ASN B 146 -15.98 -8.43 -5.75
C ASN B 146 -15.02 -7.58 -4.91
N ILE B 147 -15.50 -6.46 -4.38
CA ILE B 147 -14.73 -5.61 -3.50
C ILE B 147 -15.21 -5.82 -2.07
N LEU B 148 -14.41 -6.52 -1.27
CA LEU B 148 -14.75 -6.84 0.11
C LEU B 148 -14.11 -5.85 1.09
N VAL B 149 -14.77 -5.65 2.23
CA VAL B 149 -14.46 -4.57 3.16
C VAL B 149 -14.33 -5.10 4.59
N ASP B 150 -13.25 -4.72 5.28
CA ASP B 150 -13.06 -5.10 6.68
C ASP B 150 -13.69 -4.08 7.66
N ASN B 151 -13.45 -4.28 8.95
CA ASN B 151 -14.18 -3.53 9.99
C ASN B 151 -13.97 -2.01 9.96
N ASP B 152 -12.79 -1.55 9.56
CA ASP B 152 -12.57 -0.12 9.43
C ASP B 152 -12.32 0.28 7.98
N PHE B 153 -13.15 -0.27 7.09
CA PHE B 153 -13.31 0.19 5.70
C PHE B 153 -12.09 0.02 4.81
N HIS B 154 -11.18 -0.88 5.14
CA HIS B 154 -10.08 -1.23 4.22
C HIS B 154 -10.56 -2.35 3.30
N ILE B 155 -10.13 -2.31 2.05
CA ILE B 155 -10.73 -3.18 1.05
C ILE B 155 -9.76 -4.23 0.51
N LYS B 156 -10.33 -5.32 0.01
CA LYS B 156 -9.58 -6.30 -0.76
C LYS B 156 -10.38 -6.66 -1.99
N ILE B 157 -9.69 -6.86 -3.11
CA ILE B 157 -10.32 -7.26 -4.35
C ILE B 157 -10.34 -8.79 -4.47
N ALA B 158 -11.50 -9.33 -4.83
CA ALA B 158 -11.66 -10.77 -5.05
C ALA B 158 -12.02 -11.09 -6.49
N ASP B 159 -12.07 -12.37 -6.79
CA ASP B 159 -12.69 -12.88 -8.01
C ASP B 159 -13.61 -14.02 -7.58
N LEU B 160 -14.79 -13.66 -7.10
CA LEU B 160 -15.73 -14.61 -6.52
C LEU B 160 -16.42 -15.52 -7.54
N GLY B 161 -16.40 -15.14 -8.82
CA GLY B 161 -16.92 -15.99 -9.90
C GLY B 161 -15.88 -16.86 -10.59
N LEU B 162 -14.63 -16.79 -10.11
CA LEU B 162 -13.52 -17.62 -10.62
C LEU B 162 -13.28 -17.48 -12.13
N ALA B 163 -13.45 -16.26 -12.64
CA ALA B 163 -13.30 -15.97 -14.07
C ALA B 163 -11.87 -16.05 -14.56
N SER B 164 -10.90 -16.05 -13.65
CA SER B 164 -9.49 -16.23 -13.99
C SER B 164 -9.03 -17.68 -13.80
N PHE B 165 -9.84 -18.49 -13.12
CA PHE B 165 -9.48 -19.88 -12.80
C PHE B 165 -10.31 -20.89 -13.58
N LYS B 166 -9.88 -21.14 -14.83
CA LYS B 166 -10.53 -22.08 -15.75
C LYS B 166 -11.06 -23.33 -15.07
N MET B 167 -10.15 -24.10 -14.47
CA MET B 167 -10.45 -25.44 -13.98
C MET B 167 -11.42 -25.50 -12.80
N TRP B 168 -11.30 -24.56 -11.87
CA TRP B 168 -12.23 -24.50 -10.74
C TRP B 168 -13.65 -24.10 -11.18
N SER B 169 -13.74 -23.31 -12.26
CA SER B 169 -15.03 -22.97 -12.85
C SER B 169 -15.68 -24.20 -13.49
N LYS B 170 -14.86 -25.07 -14.06
CA LYS B 170 -15.36 -26.31 -14.67
C LYS B 170 -16.03 -27.25 -13.64
N LEU B 171 -15.74 -27.05 -12.36
CA LEU B 171 -16.52 -27.68 -11.28
C LEU B 171 -17.78 -26.88 -10.97
N GLY B 191 -26.73 -6.65 -14.05
CA GLY B 191 -25.90 -7.58 -13.29
C GLY B 191 -24.42 -7.27 -13.47
N THR B 192 -23.67 -8.24 -13.98
CA THR B 192 -22.27 -8.01 -14.35
C THR B 192 -22.19 -7.01 -15.53
N LEU B 193 -23.16 -7.10 -16.44
CA LEU B 193 -23.14 -6.32 -17.70
C LEU B 193 -23.01 -4.80 -17.56
N TYR B 194 -23.46 -4.23 -16.44
CA TYR B 194 -23.29 -2.79 -16.20
C TYR B 194 -21.82 -2.37 -16.15
N TYR B 195 -20.95 -3.29 -15.72
CA TYR B 195 -19.53 -2.99 -15.54
C TYR B 195 -18.66 -3.44 -16.72
N MET B 196 -19.29 -4.04 -17.73
CA MET B 196 -18.59 -4.55 -18.91
C MET B 196 -18.37 -3.45 -19.95
N ALA B 197 -17.15 -3.38 -20.46
CA ALA B 197 -16.76 -2.36 -21.42
C ALA B 197 -17.43 -2.63 -22.76
N PRO B 198 -17.83 -1.56 -23.49
CA PRO B 198 -18.48 -1.67 -24.80
C PRO B 198 -17.83 -2.66 -25.74
N GLU B 199 -16.50 -2.62 -25.85
CA GLU B 199 -15.80 -3.47 -26.82
C GLU B 199 -16.13 -4.95 -26.63
N HIS B 200 -16.33 -5.37 -25.37
CA HIS B 200 -16.65 -6.76 -25.06
C HIS B 200 -18.13 -7.13 -25.26
N LEU B 201 -19.02 -6.13 -25.21
CA LEU B 201 -20.44 -6.37 -25.49
C LEU B 201 -20.66 -6.66 -26.98
N ASN B 202 -21.25 -7.82 -27.26
CA ASN B 202 -21.46 -8.31 -28.64
C ASN B 202 -20.16 -8.54 -29.44
N ASP B 203 -19.09 -8.91 -28.74
CA ASP B 203 -17.85 -9.36 -29.36
C ASP B 203 -17.05 -10.14 -28.32
N VAL B 204 -17.48 -11.39 -28.10
CA VAL B 204 -16.93 -12.22 -27.03
C VAL B 204 -15.54 -12.78 -27.33
N ASN B 205 -15.12 -12.68 -28.58
CA ASN B 205 -13.79 -13.16 -28.97
C ASN B 205 -12.69 -12.13 -28.69
N ALA B 206 -13.07 -10.87 -28.45
CA ALA B 206 -12.11 -9.84 -28.07
C ALA B 206 -11.40 -10.20 -26.76
N LYS B 207 -10.07 -10.26 -26.81
CA LYS B 207 -9.27 -10.60 -25.64
C LYS B 207 -9.24 -9.43 -24.67
N PRO B 208 -9.63 -9.66 -23.39
CA PRO B 208 -9.55 -8.61 -22.39
C PRO B 208 -8.16 -8.03 -22.25
N THR B 209 -8.09 -6.70 -22.15
CA THR B 209 -6.83 -6.00 -21.89
C THR B 209 -6.94 -5.30 -20.55
N GLU B 210 -5.88 -4.58 -20.19
CA GLU B 210 -5.86 -3.71 -19.01
C GLU B 210 -7.00 -2.69 -19.04
N LYS B 211 -7.33 -2.21 -20.24
CA LYS B 211 -8.33 -1.16 -20.42
C LYS B 211 -9.78 -1.65 -20.26
N SER B 212 -9.98 -2.96 -20.25
CA SER B 212 -11.31 -3.54 -20.03
C SER B 212 -11.83 -3.30 -18.63
N ASP B 213 -10.98 -3.49 -17.62
CA ASP B 213 -11.41 -3.29 -16.23
C ASP B 213 -11.21 -1.87 -15.71
N VAL B 214 -10.44 -1.05 -16.43
CA VAL B 214 -10.43 0.39 -16.20
C VAL B 214 -11.86 0.91 -16.42
N TYR B 215 -12.52 0.42 -17.46
CA TYR B 215 -13.91 0.75 -17.72
C TYR B 215 -14.79 0.36 -16.53
N SER B 216 -14.59 -0.85 -16.03
CA SER B 216 -15.34 -1.35 -14.89
C SER B 216 -15.05 -0.54 -13.63
N PHE B 217 -13.81 -0.06 -13.50
CA PHE B 217 -13.44 0.84 -12.42
C PHE B 217 -14.29 2.11 -12.49
N ALA B 218 -14.37 2.72 -13.67
CA ALA B 218 -15.23 3.89 -13.89
C ALA B 218 -16.63 3.73 -13.28
N VAL B 219 -17.24 2.58 -13.53
CA VAL B 219 -18.62 2.32 -13.11
C VAL B 219 -18.68 2.02 -11.61
N VAL B 220 -17.62 1.45 -11.06
CA VAL B 220 -17.50 1.32 -9.61
C VAL B 220 -17.46 2.69 -8.94
N LEU B 221 -16.73 3.63 -9.53
CA LEU B 221 -16.65 4.99 -8.98
C LEU B 221 -18.04 5.61 -8.87
N TRP B 222 -18.78 5.55 -9.98
CA TRP B 222 -20.14 6.03 -9.98
C TRP B 222 -20.91 5.45 -8.80
N ALA B 223 -20.90 4.11 -8.70
CA ALA B 223 -21.63 3.39 -7.67
C ALA B 223 -21.24 3.81 -6.26
N ILE B 224 -19.96 4.08 -6.04
CA ILE B 224 -19.45 4.53 -4.75
C ILE B 224 -20.09 5.84 -4.28
N PHE B 225 -20.22 6.80 -5.19
CA PHE B 225 -20.85 8.09 -4.86
C PHE B 225 -22.37 8.10 -5.09
N ALA B 226 -22.91 7.08 -5.76
CA ALA B 226 -24.35 6.95 -5.97
C ALA B 226 -25.05 6.12 -4.89
N ASN B 227 -24.30 5.29 -4.16
CA ASN B 227 -24.83 4.40 -3.12
C ASN B 227 -25.85 3.38 -3.65
N LYS B 228 -25.66 2.97 -4.90
CA LYS B 228 -26.59 2.05 -5.56
C LYS B 228 -26.02 1.58 -6.90
N GLU B 229 -26.66 0.57 -7.50
CA GLU B 229 -26.28 0.08 -8.82
C GLU B 229 -26.73 1.04 -9.91
N PRO B 230 -25.96 1.12 -11.01
CA PRO B 230 -26.30 2.02 -12.11
C PRO B 230 -27.42 1.48 -12.98
N TYR B 231 -27.86 2.32 -13.91
CA TYR B 231 -28.87 1.94 -14.90
C TYR B 231 -30.11 1.33 -14.24
N GLU B 232 -30.84 2.13 -13.47
CA GLU B 232 -32.05 1.66 -12.78
C GLU B 232 -33.35 2.06 -13.51
N ASN B 233 -33.25 2.92 -14.52
CA ASN B 233 -34.42 3.39 -15.29
C ASN B 233 -34.71 2.58 -16.56
N ALA B 234 -33.82 1.66 -16.90
CA ALA B 234 -33.91 0.91 -18.17
C ALA B 234 -35.04 -0.12 -18.15
N ILE B 235 -35.70 -0.26 -19.28
CA ILE B 235 -36.83 -1.18 -19.41
C ILE B 235 -36.32 -2.52 -19.92
N ALA B 236 -35.69 -2.49 -21.10
CA ALA B 236 -35.15 -3.68 -21.74
C ALA B 236 -33.65 -3.82 -21.47
N GLU B 237 -33.19 -5.05 -21.28
CA GLU B 237 -31.77 -5.33 -21.09
C GLU B 237 -31.01 -5.29 -22.43
N GLN B 238 -31.68 -5.63 -23.52
CA GLN B 238 -31.10 -5.52 -24.87
C GLN B 238 -31.03 -4.07 -25.34
N GLN B 239 -32.05 -3.28 -25.00
CA GLN B 239 -32.05 -1.83 -25.22
C GLN B 239 -30.89 -1.15 -24.50
N LEU B 240 -30.63 -1.61 -23.27
CA LEU B 240 -29.57 -1.08 -22.44
C LEU B 240 -28.21 -1.39 -23.08
N ILE B 241 -27.99 -2.66 -23.41
CA ILE B 241 -26.71 -3.10 -24.00
C ILE B 241 -26.36 -2.31 -25.26
N MET B 242 -27.32 -2.12 -26.16
CA MET B 242 -27.08 -1.33 -27.38
C MET B 242 -26.93 0.15 -27.06
N ALA B 243 -27.66 0.64 -26.05
CA ALA B 243 -27.51 2.02 -25.60
C ALA B 243 -26.11 2.27 -25.07
N ILE B 244 -25.56 1.29 -24.35
CA ILE B 244 -24.23 1.40 -23.75
C ILE B 244 -23.13 1.31 -24.80
N LYS B 245 -23.31 0.45 -25.79
CA LYS B 245 -22.38 0.35 -26.92
C LYS B 245 -22.25 1.69 -27.64
N SER B 246 -23.38 2.36 -27.87
CA SER B 246 -23.43 3.62 -28.60
C SER B 246 -23.01 4.85 -27.76
N GLY B 247 -22.62 4.63 -26.51
CA GLY B 247 -21.96 5.67 -25.70
C GLY B 247 -22.71 6.17 -24.48
N ASN B 248 -23.81 5.52 -24.11
CA ASN B 248 -24.58 5.92 -22.94
C ASN B 248 -23.95 5.40 -21.64
N ARG B 249 -23.91 6.25 -20.62
CA ARG B 249 -23.28 5.92 -19.34
C ARG B 249 -24.25 6.24 -18.20
N PRO B 250 -23.92 5.82 -16.98
CA PRO B 250 -24.80 6.13 -15.85
C PRO B 250 -24.95 7.64 -15.64
N ASP B 251 -26.06 8.04 -15.03
CA ASP B 251 -26.39 9.46 -14.89
C ASP B 251 -25.48 10.14 -13.87
N VAL B 252 -24.63 11.04 -14.36
CA VAL B 252 -23.73 11.83 -13.51
C VAL B 252 -24.49 12.95 -12.82
N ASP B 253 -25.60 13.40 -13.42
CA ASP B 253 -26.48 14.41 -12.80
C ASP B 253 -26.89 14.07 -11.37
N ASP B 254 -27.05 12.78 -11.08
CA ASP B 254 -27.37 12.31 -9.72
C ASP B 254 -26.18 12.49 -8.76
N LEU B 255 -24.98 12.56 -9.34
CA LEU B 255 -23.73 12.39 -8.60
C LEU B 255 -22.98 13.69 -8.25
N THR B 256 -23.25 14.79 -8.99
CA THR B 256 -22.47 16.03 -8.84
C THR B 256 -22.51 16.65 -7.44
N GLU B 257 -23.60 16.42 -6.72
CA GLU B 257 -23.77 16.98 -5.38
C GLU B 257 -22.73 16.43 -4.41
N TYR B 258 -22.59 15.10 -4.36
CA TYR B 258 -21.76 14.44 -3.34
C TYR B 258 -20.30 14.14 -3.76
N CYS B 259 -19.98 14.39 -5.03
CA CYS B 259 -18.69 13.95 -5.60
C CYS B 259 -17.84 15.10 -6.15
N PRO B 260 -16.57 15.21 -5.70
CA PRO B 260 -15.62 16.21 -6.24
C PRO B 260 -15.41 16.09 -7.75
N ARG B 261 -15.05 17.20 -8.39
CA ARG B 261 -14.94 17.26 -9.85
C ARG B 261 -13.80 16.44 -10.43
N GLU B 262 -12.68 16.33 -9.72
CA GLU B 262 -11.54 15.52 -10.20
C GLU B 262 -11.91 14.05 -10.32
N ILE B 263 -12.81 13.59 -9.47
CA ILE B 263 -13.29 12.21 -9.49
C ILE B 263 -14.32 12.01 -10.61
N ILE B 264 -15.17 13.00 -10.84
CA ILE B 264 -16.13 12.95 -11.95
C ILE B 264 -15.38 12.91 -13.30
N SER B 265 -14.31 13.69 -13.43
CA SER B 265 -13.50 13.65 -14.65
C SER B 265 -12.80 12.31 -14.82
N LEU B 266 -12.35 11.74 -13.71
CA LEU B 266 -11.67 10.45 -13.70
C LEU B 266 -12.58 9.35 -14.27
N MET B 267 -13.81 9.25 -13.76
CA MET B 267 -14.72 8.21 -14.22
C MET B 267 -15.10 8.36 -15.70
N LYS B 268 -15.23 9.59 -16.19
CA LYS B 268 -15.51 9.83 -17.61
C LYS B 268 -14.35 9.45 -18.51
N LEU B 269 -13.13 9.81 -18.09
CA LEU B 269 -11.92 9.32 -18.77
C LEU B 269 -11.90 7.80 -18.83
N CYS B 270 -12.19 7.19 -17.68
CA CYS B 270 -12.11 5.74 -17.55
C CYS B 270 -13.22 5.02 -18.31
N TRP B 271 -14.39 5.63 -18.45
CA TRP B 271 -15.47 5.00 -19.22
C TRP B 271 -15.59 5.50 -20.66
N GLU B 272 -14.44 5.89 -21.25
CA GLU B 272 -14.41 6.27 -22.67
C GLU B 272 -14.75 5.08 -23.56
N ALA B 273 -15.47 5.36 -24.64
CA ALA B 273 -15.84 4.32 -25.62
C ALA B 273 -14.59 3.70 -26.25
N ASN B 274 -13.64 4.56 -26.60
CA ASN B 274 -12.33 4.12 -27.08
C ASN B 274 -11.48 3.52 -25.94
N PRO B 275 -10.99 2.27 -26.10
CA PRO B 275 -10.10 1.69 -25.07
C PRO B 275 -8.77 2.43 -24.90
N GLU B 276 -8.15 2.83 -26.00
CA GLU B 276 -6.86 3.54 -25.96
C GLU B 276 -6.97 4.89 -25.24
N ALA B 277 -8.17 5.49 -25.27
CA ALA B 277 -8.42 6.77 -24.61
C ALA B 277 -8.35 6.68 -23.09
N ARG B 278 -8.62 5.48 -22.56
CA ARG B 278 -8.62 5.25 -21.11
C ARG B 278 -7.19 5.16 -20.58
N PRO B 279 -6.97 5.59 -19.33
CA PRO B 279 -5.65 5.53 -18.73
C PRO B 279 -5.37 4.19 -18.06
N THR B 280 -4.10 3.89 -17.83
CA THR B 280 -3.71 2.70 -17.08
C THR B 280 -3.94 2.92 -15.58
N PHE B 281 -3.81 1.86 -14.80
CA PHE B 281 -3.99 1.97 -13.35
C PHE B 281 -2.82 2.70 -12.68
N PRO B 282 -1.57 2.44 -13.12
CA PRO B 282 -0.45 3.29 -12.70
C PRO B 282 -0.63 4.77 -13.07
N GLY B 283 -1.17 5.03 -14.26
CA GLY B 283 -1.50 6.39 -14.68
C GLY B 283 -2.55 7.05 -13.78
N ILE B 284 -3.51 6.27 -13.29
CA ILE B 284 -4.51 6.75 -12.34
C ILE B 284 -3.89 6.95 -10.95
N GLU B 285 -3.13 5.95 -10.51
CA GLU B 285 -2.42 5.98 -9.22
C GLU B 285 -1.61 7.27 -9.09
N GLU B 286 -0.78 7.56 -10.09
CA GLU B 286 0.13 8.70 -10.09
C GLU B 286 -0.55 10.05 -9.83
N LYS B 287 -1.79 10.20 -10.30
CA LYS B 287 -2.57 11.44 -10.11
C LYS B 287 -3.54 11.36 -8.95
N PHE B 288 -4.07 10.18 -8.65
CA PHE B 288 -5.07 10.06 -7.60
C PHE B 288 -4.47 10.01 -6.18
N ARG B 289 -3.31 9.39 -6.02
CA ARG B 289 -2.63 9.35 -4.71
C ARG B 289 -2.31 10.76 -4.15
N PRO B 290 -1.63 11.61 -4.94
CA PRO B 290 -1.39 12.98 -4.45
C PRO B 290 -2.68 13.75 -4.19
N PHE B 291 -3.71 13.50 -5.01
CA PHE B 291 -5.02 14.10 -4.80
C PHE B 291 -5.66 13.63 -3.50
N TYR B 292 -5.62 12.33 -3.23
CA TYR B 292 -6.25 11.82 -2.01
C TYR B 292 -5.54 12.39 -0.77
N LEU B 293 -4.22 12.27 -0.75
CA LEU B 293 -3.38 12.75 0.37
C LEU B 293 -3.57 14.22 0.72
N SER B 294 -3.62 15.07 -0.30
CA SER B 294 -3.64 16.52 -0.11
C SER B 294 -5.03 17.16 -0.08
N GLN B 295 -6.04 16.48 -0.63
CA GLN B 295 -7.41 17.03 -0.64
C GLN B 295 -8.41 16.27 0.25
N LEU B 296 -8.20 14.97 0.44
CA LEU B 296 -9.15 14.11 1.17
C LEU B 296 -8.62 13.56 2.51
N GLU B 297 -7.31 13.61 2.71
CA GLU B 297 -6.64 13.09 3.92
C GLU B 297 -6.44 11.59 3.84
C4 EJY C . 15.61 10.99 -2.22
C5 EJY C . 14.76 10.95 -3.32
C6 EJY C . 13.79 9.99 -3.42
C7 EJY C . 13.64 9.05 -2.40
C10 EJY C . 13.10 7.41 -1.02
C13 EJY C . 12.86 4.81 1.48
C15 EJY C . 14.57 3.14 1.39
C17 EJY C . 14.12 4.48 -0.54
C20 EJY C . 15.48 10.07 -1.20
O1 EJY C . 17.62 11.90 -1.42
N2 EJY C . 16.65 12.05 -2.13
O3 EJY C . 16.52 13.08 -2.78
N8 EJY C . 12.79 8.00 -2.20
C11 EJY C . 12.32 6.23 -0.49
C12 EJY C . 13.13 5.16 0.16
C14 EJY C . 13.59 3.81 2.10
C16 EJY C . 14.84 3.49 0.07
N18 EJY C . 14.10 8.04 -0.46
C19 EJY C . 14.48 9.07 -1.27
C4 EJY D . -11.84 -17.08 -4.04
C5 EJY D . -10.71 -17.65 -3.46
C6 EJY D . -9.50 -17.00 -3.51
C7 EJY D . -9.41 -15.77 -4.15
C10 EJY D . -8.89 -13.83 -5.05
C13 EJY D . -8.55 -11.43 -7.60
C15 EJY D . -7.91 -12.34 -9.72
C17 EJY D . -7.43 -13.54 -7.71
C20 EJY D . -11.78 -15.86 -4.66
O1 EJY D . -14.15 -17.29 -4.41
N2 EJY D . -13.13 -17.79 -3.96
O3 EJY D . -13.18 -18.89 -3.44
N8 EJY D . -8.38 -14.88 -4.36
C11 EJY D . -8.07 -12.63 -5.47
C12 EJY D . -8.01 -12.53 -6.97
C14 EJY D . -8.49 -11.34 -8.98
C16 EJY D . -7.37 -13.45 -9.09
N18 EJY D . -10.17 -14.00 -5.26
C19 EJY D . -10.55 -15.18 -4.74
#